data_2ZFQ
#
_entry.id   2ZFQ
#
_cell.length_a   70.4
_cell.length_b   71.6
_cell.length_c   72.5
_cell.angle_alpha   90.00
_cell.angle_beta   100.6
_cell.angle_gamma   90.00
#
_symmetry.space_group_name_H-M   'C 1 2 1'
#
loop_
_entity.id
_entity.type
_entity.pdbx_description
1 polymer 'Thrombin light chain'
2 polymer 'Thrombin heavy chain'
3 polymer Hirudin
4 non-polymer 'SODIUM ION'
5 non-polymer (S)-N-(4-carbamimidoylbenzyl)-1-(2-(cyclopentyloxy)ethanoyl)pyrrolidine-2-carboxamide
6 non-polymer BENZAMIDINE
7 non-polymer GLYCEROL
8 water water
#
loop_
_entity_poly.entity_id
_entity_poly.type
_entity_poly.pdbx_seq_one_letter_code
_entity_poly.pdbx_strand_id
1 'polypeptide(L)' TFGSGEADCGLRPLFEKKSLEDKTERELLESYIDGR L
2 'polypeptide(L)'
;IVEGSDAEIGMSPWQVMLFRKSPQELLCGASLISDRWVLTAAHCLLYPPWDKNFTENDLLVRIGKHSRTRYERNIEKISM
LEKIYIHPRYNWRENLDRDIALMKLKKPVAFSDYIHPVCLPDRETAASLLQAGYKGRVTGWGNLKETWTANVGKGQPSVL
QVVNLPIVERPVCKDSTRIRITDNMFCAGYKPDEGKRGDACEGDSGGPFVMKSPFNNRWYQMGIVSWGEGCDRDGKYGFY
THVFRLKKWIQKVIDQFGE
;
H
3 'polypeptide(L)' NGDFEEIPEE(TYS)L I
#
loop_
_chem_comp.id
_chem_comp.type
_chem_comp.name
_chem_comp.formula
45U peptide-like (S)-N-(4-carbamimidoylbenzyl)-1-(2-(cyclopentyloxy)ethanoyl)pyrrolidine-2-carboxamide 'C20 H28 N4 O3'
BEN non-polymer BENZAMIDINE 'C7 H8 N2'
GOL non-polymer GLYCEROL 'C3 H8 O3'
NA non-polymer 'SODIUM ION' 'Na 1'
#
# COMPACT_ATOMS: atom_id res chain seq x y z
N ALA A 7 3.99 3.64 17.63
CA ALA A 7 4.67 3.43 18.92
C ALA A 7 6.16 3.19 18.67
N ASP A 8 6.54 2.01 18.22
CA ASP A 8 7.79 1.65 17.59
C ASP A 8 7.52 1.56 16.08
N CYS A 9 6.35 2.09 15.71
CA CYS A 9 5.91 2.08 14.33
C CYS A 9 6.95 2.69 13.43
N GLY A 10 7.02 2.17 12.20
CA GLY A 10 7.80 2.79 11.17
C GLY A 10 9.30 2.67 11.29
N LEU A 11 9.76 1.91 12.29
CA LEU A 11 11.16 1.59 12.49
C LEU A 11 11.41 0.12 12.14
N ARG A 12 12.18 -0.11 11.08
CA ARG A 12 12.24 -1.48 10.61
C ARG A 12 13.34 -2.25 11.35
N PRO A 13 13.01 -3.42 11.85
CA PRO A 13 14.05 -4.24 12.54
C PRO A 13 15.31 -4.45 11.73
N LEU A 14 15.24 -4.64 10.41
CA LEU A 14 16.50 -4.93 9.72
C LEU A 14 17.15 -3.68 9.15
N PHE A 15 16.56 -2.51 9.42
CA PHE A 15 17.17 -1.30 8.90
C PHE A 15 17.28 -0.24 9.99
N GLU A 16 16.28 0.61 10.21
CA GLU A 16 16.39 1.62 11.27
C GLU A 16 16.83 1.04 12.62
N LYS A 17 16.28 -0.07 13.09
CA LYS A 17 16.66 -0.53 14.43
C LYS A 17 18.13 -0.96 14.49
N LYS A 18 18.81 -1.20 13.38
CA LYS A 18 20.18 -1.61 13.31
C LYS A 18 21.08 -0.52 12.74
N SER A 19 20.52 0.64 12.50
CA SER A 19 21.19 1.74 11.79
C SER A 19 21.78 1.28 10.47
N LEU A 20 21.00 0.50 9.71
CA LEU A 20 21.38 0.17 8.34
C LEU A 20 20.43 0.87 7.37
N GLU A 21 20.92 1.34 6.24
CA GLU A 21 20.06 1.98 5.27
C GLU A 21 19.77 1.07 4.08
N ASP A 22 18.54 1.15 3.57
CA ASP A 22 18.28 0.34 2.36
C ASP A 22 18.91 1.05 1.17
N LYS A 23 18.95 0.37 0.03
CA LYS A 23 19.67 0.89 -1.12
C LYS A 23 19.05 2.11 -1.78
N THR A 24 17.78 2.48 -1.56
CA THR A 24 17.38 3.69 -2.29
C THR A 24 16.65 4.67 -1.39
N GLU A 25 16.69 4.51 -0.06
CA GLU A 25 16.00 5.47 0.81
C GLU A 25 16.64 6.86 0.69
N ARG A 26 17.92 6.93 0.32
CA ARG A 26 18.55 8.24 0.23
C ARG A 26 17.95 9.06 -0.91
N GLU A 27 17.46 8.42 -1.97
CA GLU A 27 16.70 9.10 -3.02
C GLU A 27 15.50 9.82 -2.44
N LEU A 28 14.77 9.23 -1.49
CA LEU A 28 13.67 9.97 -0.88
C LEU A 28 14.19 11.17 -0.09
N LEU A 29 15.14 10.97 0.81
CA LEU A 29 15.74 12.04 1.59
C LEU A 29 16.15 13.21 0.70
N GLU A 30 16.83 12.91 -0.40
CA GLU A 30 17.31 14.00 -1.24
C GLU A 30 16.19 14.79 -1.88
N SER A 31 14.99 14.25 -2.01
CA SER A 31 13.85 14.97 -2.59
C SER A 31 13.13 15.87 -1.60
N TYR A 32 13.45 15.71 -0.31
CA TYR A 32 12.83 16.49 0.76
C TYR A 32 13.61 17.79 0.95
N ILE A 33 13.44 18.63 -0.03
CA ILE A 33 13.99 19.87 -0.51
C ILE A 33 13.53 21.07 0.30
N ILE B 1 3.81 -3.63 -9.90
CA ILE B 1 4.74 -2.52 -10.02
C ILE B 1 5.53 -2.56 -11.33
N VAL B 2 5.47 -1.47 -12.08
CA VAL B 2 6.11 -1.29 -13.37
C VAL B 2 7.37 -0.44 -13.25
N GLU B 3 8.48 -1.01 -13.71
CA GLU B 3 9.78 -0.38 -13.78
C GLU B 3 10.36 -0.15 -12.39
N GLY B 4 10.03 -1.07 -11.49
CA GLY B 4 10.56 -1.04 -10.14
C GLY B 4 11.72 -2.00 -10.02
N SER B 5 12.04 -2.39 -8.80
CA SER B 5 13.11 -3.37 -8.56
C SER B 5 12.70 -4.33 -7.48
N ASP B 6 13.45 -5.42 -7.30
CA ASP B 6 13.11 -6.37 -6.25
C ASP B 6 13.33 -5.66 -4.90
N ALA B 7 12.42 -5.86 -3.97
CA ALA B 7 12.61 -5.32 -2.61
C ALA B 7 13.76 -5.99 -1.89
N GLU B 8 14.41 -5.35 -0.94
CA GLU B 8 15.37 -6.01 -0.04
C GLU B 8 14.63 -6.78 1.02
N ILE B 9 15.21 -7.81 1.63
CA ILE B 9 14.50 -8.49 2.72
C ILE B 9 14.23 -7.56 3.89
N GLY B 10 13.02 -7.53 4.42
CA GLY B 10 12.66 -6.69 5.55
C GLY B 10 12.56 -5.21 5.21
N MET B 11 12.59 -4.86 3.94
CA MET B 11 12.52 -3.44 3.50
C MET B 11 11.12 -2.84 3.69
N SER B 12 10.09 -3.66 3.68
N SER B 12 10.08 -3.65 3.67
CA SER B 12 8.70 -3.21 3.83
CA SER B 12 8.69 -3.25 3.82
C SER B 12 7.89 -4.13 4.71
C SER B 12 7.90 -4.18 4.72
N PRO B 13 8.23 -4.19 6.01
CA PRO B 13 7.69 -5.21 6.89
C PRO B 13 6.24 -5.01 7.30
N TRP B 14 5.65 -3.90 6.87
CA TRP B 14 4.25 -3.58 6.99
C TRP B 14 3.47 -4.08 5.74
N GLN B 15 4.16 -4.58 4.73
CA GLN B 15 3.48 -5.02 3.52
C GLN B 15 2.62 -6.24 3.79
N VAL B 16 1.37 -6.17 3.35
CA VAL B 16 0.42 -7.26 3.56
C VAL B 16 -0.11 -7.73 2.20
N MET B 17 -0.31 -9.04 2.08
CA MET B 17 -0.95 -9.60 0.89
C MET B 17 -2.35 -10.04 1.26
N LEU B 18 -3.38 -9.52 0.60
N LEU B 18 -3.33 -9.51 0.52
CA LEU B 18 -4.74 -10.03 0.81
CA LEU B 18 -4.69 -10.03 0.56
C LEU B 18 -4.94 -11.13 -0.24
C LEU B 18 -4.74 -11.25 -0.35
N PHE B 19 -5.27 -12.32 0.21
CA PHE B 19 -5.23 -13.60 -0.50
C PHE B 19 -6.60 -14.27 -0.48
N ARG B 20 -7.06 -14.60 -1.68
CA ARG B 20 -8.33 -15.31 -1.84
C ARG B 20 -8.20 -16.76 -1.41
N LYS B 21 -9.07 -17.25 -0.54
CA LYS B 21 -9.02 -18.64 -0.11
C LYS B 21 -9.30 -19.65 -1.24
N SER B 22 -10.29 -19.39 -2.08
CA SER B 22 -10.62 -20.31 -3.17
C SER B 22 -11.23 -19.59 -4.36
N PRO B 23 -10.59 -19.57 -5.53
CA PRO B 23 -9.28 -20.16 -5.79
C PRO B 23 -8.18 -19.31 -5.15
N GLN B 24 -7.12 -19.96 -4.72
CA GLN B 24 -6.05 -19.30 -3.97
C GLN B 24 -5.18 -18.49 -4.91
N GLU B 25 -5.36 -17.18 -4.89
CA GLU B 25 -4.62 -16.22 -5.69
C GLU B 25 -4.49 -14.86 -5.00
N LEU B 26 -3.57 -14.05 -5.51
CA LEU B 26 -3.40 -12.70 -4.97
C LEU B 26 -4.63 -11.86 -5.23
N LEU B 27 -5.15 -11.16 -4.23
CA LEU B 27 -6.27 -10.23 -4.44
C LEU B 27 -5.80 -8.78 -4.55
N CYS B 28 -5.01 -8.38 -3.57
CA CYS B 28 -4.63 -6.97 -3.43
C CYS B 28 -3.44 -6.86 -2.47
N GLY B 29 -2.90 -5.67 -2.35
CA GLY B 29 -1.93 -5.36 -1.29
C GLY B 29 -2.72 -4.70 -0.16
N ALA B 30 -1.99 -4.37 0.90
CA ALA B 30 -2.47 -3.83 2.13
C ALA B 30 -1.29 -3.53 3.07
N SER B 31 -1.62 -3.01 4.25
CA SER B 31 -0.57 -2.61 5.18
C SER B 31 -0.98 -2.87 6.62
N LEU B 32 0.06 -3.19 7.40
CA LEU B 32 -0.11 -3.44 8.82
C LEU B 32 0.06 -2.16 9.62
N ILE B 33 -0.99 -1.77 10.33
CA ILE B 33 -0.84 -0.51 11.06
C ILE B 33 -0.83 -0.74 12.58
N SER B 34 -1.00 -1.98 13.01
CA SER B 34 -0.86 -2.38 14.42
C SER B 34 -0.92 -3.89 14.51
N ASP B 35 -0.87 -4.48 15.72
CA ASP B 35 -0.81 -5.94 15.66
C ASP B 35 -2.12 -6.59 15.29
N ARG B 36 -3.23 -5.87 15.18
CA ARG B 36 -4.54 -6.36 14.82
C ARG B 36 -5.28 -5.61 13.72
N TRP B 37 -4.71 -4.58 13.11
CA TRP B 37 -5.43 -3.82 12.10
C TRP B 37 -4.60 -3.71 10.81
N VAL B 38 -5.32 -3.90 9.71
CA VAL B 38 -4.76 -3.83 8.37
C VAL B 38 -5.55 -2.80 7.56
N LEU B 39 -4.82 -1.99 6.80
CA LEU B 39 -5.41 -0.93 6.00
C LEU B 39 -5.33 -1.35 4.54
N THR B 40 -6.42 -1.14 3.79
CA THR B 40 -6.31 -1.44 2.36
C THR B 40 -7.20 -0.47 1.58
N ALA B 41 -7.35 -0.71 0.31
CA ALA B 41 -8.28 0.06 -0.54
C ALA B 41 -9.67 -0.57 -0.54
N ALA B 42 -10.69 0.27 -0.49
CA ALA B 42 -12.06 -0.27 -0.46
C ALA B 42 -12.36 -1.11 -1.70
N HIS B 43 -11.84 -0.67 -2.85
CA HIS B 43 -12.15 -1.33 -4.12
C HIS B 43 -11.63 -2.76 -4.10
N CYS B 44 -10.70 -3.11 -3.23
CA CYS B 44 -10.18 -4.46 -3.10
C CYS B 44 -11.24 -5.44 -2.63
N LEU B 45 -12.21 -4.82 -1.92
CA LEU B 45 -13.20 -5.63 -1.25
C LEU B 45 -14.61 -5.45 -1.83
N LEU B 46 -14.87 -4.25 -2.34
CA LEU B 46 -16.19 -3.92 -2.85
C LEU B 46 -16.08 -3.09 -4.11
N TYR B 47 -16.63 -3.63 -5.21
CA TYR B 47 -16.63 -2.88 -6.45
C TYR B 47 -17.68 -3.48 -7.40
N PRO B 48 -18.91 -3.04 -7.14
CA PRO B 48 -20.10 -3.56 -7.83
C PRO B 48 -20.02 -3.57 -9.34
N PRO B 49 -19.42 -2.63 -10.05
CA PRO B 49 -19.33 -2.79 -11.50
C PRO B 49 -18.67 -4.09 -11.93
N TRP B 50 -17.85 -4.68 -11.09
CA TRP B 50 -17.13 -5.89 -11.47
C TRP B 50 -17.64 -7.10 -10.70
N ASP B 51 -18.81 -6.95 -10.09
CA ASP B 51 -19.39 -7.95 -9.21
C ASP B 51 -18.42 -8.34 -8.10
N LYS B 52 -17.66 -7.37 -7.60
CA LYS B 52 -16.73 -7.67 -6.51
C LYS B 52 -17.33 -7.26 -5.17
N ASN B 53 -17.44 -8.22 -4.26
CA ASN B 53 -17.99 -7.98 -2.93
C ASN B 53 -17.53 -9.03 -1.94
N PHE B 54 -16.31 -8.94 -1.42
CA PHE B 54 -15.80 -10.01 -0.56
C PHE B 54 -16.25 -9.86 0.88
N THR B 55 -16.43 -11.01 1.53
CA THR B 55 -16.76 -11.00 2.95
C THR B 55 -15.53 -11.51 3.73
N GLU B 56 -15.58 -11.33 5.03
CA GLU B 56 -14.50 -11.72 5.93
C GLU B 56 -14.00 -13.13 5.60
N ASN B 57 -14.93 -14.08 5.61
CA ASN B 57 -14.55 -15.49 5.47
C ASN B 57 -14.04 -15.84 4.08
N ASP B 58 -14.06 -14.90 3.14
CA ASP B 58 -13.60 -15.12 1.79
C ASP B 58 -12.09 -14.99 1.66
N LEU B 59 -11.47 -14.43 2.70
CA LEU B 59 -10.12 -13.93 2.60
C LEU B 59 -9.18 -14.37 3.72
N LEU B 60 -7.90 -14.29 3.41
CA LEU B 60 -6.80 -14.37 4.35
C LEU B 60 -5.83 -13.19 4.14
N VAL B 61 -5.19 -12.79 5.25
CA VAL B 61 -4.08 -11.85 5.25
C VAL B 61 -2.75 -12.57 5.47
N ARG B 62 -1.78 -12.31 4.61
CA ARG B 62 -0.45 -12.88 4.70
C ARG B 62 0.59 -11.78 4.91
N ILE B 63 1.27 -11.84 6.04
CA ILE B 63 2.19 -10.81 6.55
C ILE B 63 3.59 -11.38 6.67
N GLY B 64 4.60 -10.58 6.39
CA GLY B 64 6.00 -10.93 6.39
C GLY B 64 6.49 -11.55 5.11
N LYS B 65 5.73 -11.40 4.01
CA LYS B 65 6.11 -12.07 2.78
C LYS B 65 7.10 -11.30 1.93
N HIS B 66 7.79 -12.08 1.12
CA HIS B 66 8.75 -11.56 0.14
C HIS B 66 8.41 -12.16 -1.23
N SER B 67 8.43 -13.49 -1.25
CA SER B 67 7.94 -14.22 -2.40
C SER B 67 6.44 -14.04 -2.61
N ARG B 68 6.08 -13.81 -3.86
CA ARG B 68 4.68 -13.76 -4.29
C ARG B 68 3.99 -15.10 -4.10
N THR B 69 4.43 -16.15 -4.79
CA THR B 69 3.70 -17.43 -4.83
C THR B 69 4.07 -18.43 -3.75
N ARG B 70 5.27 -18.35 -3.20
CA ARG B 70 5.74 -19.35 -2.23
C ARG B 70 5.08 -19.22 -0.88
N TYR B 71 4.88 -20.34 -0.17
CA TYR B 71 4.52 -20.33 1.23
C TYR B 71 5.77 -20.22 2.10
N GLU B 72 6.03 -19.04 2.64
CA GLU B 72 7.33 -18.77 3.27
C GLU B 72 7.30 -19.16 4.75
N ARG B 73 7.53 -20.47 4.88
CA ARG B 73 7.56 -21.19 6.12
C ARG B 73 8.51 -20.58 7.15
N ASN B 74 8.01 -20.37 8.35
CA ASN B 74 8.78 -19.85 9.46
C ASN B 74 9.01 -18.35 9.32
N ILE B 75 8.44 -17.74 8.27
CA ILE B 75 8.67 -16.31 8.02
C ILE B 75 7.33 -15.61 7.92
N GLU B 76 6.52 -15.96 6.92
CA GLU B 76 5.20 -15.31 6.89
C GLU B 76 4.30 -15.82 8.00
N LYS B 77 3.33 -14.98 8.31
CA LYS B 77 2.21 -15.27 9.18
C LYS B 77 0.92 -15.12 8.36
N ILE B 78 -0.02 -16.03 8.57
CA ILE B 78 -1.28 -15.98 7.80
C ILE B 78 -2.42 -15.77 8.78
N SER B 79 -3.22 -14.76 8.56
CA SER B 79 -4.28 -14.38 9.50
C SER B 79 -5.67 -14.34 8.86
N MET B 80 -6.64 -14.58 9.73
CA MET B 80 -8.07 -14.58 9.50
C MET B 80 -8.70 -13.24 9.86
N LEU B 81 -9.75 -12.90 9.11
CA LEU B 81 -10.45 -11.65 9.33
C LEU B 81 -11.62 -11.82 10.31
N GLU B 82 -11.64 -10.94 11.29
CA GLU B 82 -12.72 -10.76 12.24
C GLU B 82 -13.78 -9.86 11.59
N LYS B 83 -13.32 -8.72 11.06
CA LYS B 83 -14.30 -7.79 10.52
C LYS B 83 -13.67 -6.82 9.54
N ILE B 84 -14.44 -6.50 8.50
CA ILE B 84 -14.08 -5.54 7.49
C ILE B 84 -14.88 -4.26 7.69
N TYR B 85 -14.25 -3.09 7.64
CA TYR B 85 -14.87 -1.78 7.65
C TYR B 85 -14.50 -0.98 6.39
N ILE B 86 -15.53 -0.67 5.61
CA ILE B 86 -15.39 0.16 4.40
C ILE B 86 -15.87 1.57 4.69
N HIS B 87 -15.18 2.60 4.24
CA HIS B 87 -15.63 3.99 4.40
C HIS B 87 -17.08 4.15 3.95
N PRO B 88 -17.97 4.71 4.74
CA PRO B 88 -19.39 4.75 4.35
C PRO B 88 -19.71 5.70 3.20
N ARG B 89 -18.89 6.61 2.77
CA ARG B 89 -18.88 7.53 1.65
C ARG B 89 -17.83 7.16 0.62
N TYR B 90 -17.32 5.93 0.63
CA TYR B 90 -16.59 5.38 -0.50
C TYR B 90 -17.42 5.50 -1.79
N ASN B 91 -16.91 6.22 -2.77
CA ASN B 91 -17.60 6.51 -4.04
C ASN B 91 -17.17 5.59 -5.17
N TRP B 92 -17.74 4.38 -5.21
CA TRP B 92 -17.41 3.41 -6.26
C TRP B 92 -18.14 3.73 -7.56
N ARG B 93 -19.15 4.60 -7.44
CA ARG B 93 -19.97 4.88 -8.63
C ARG B 93 -19.29 5.82 -9.60
N GLU B 94 -18.50 6.75 -9.06
CA GLU B 94 -17.94 7.75 -9.97
C GLU B 94 -16.43 7.72 -10.05
N ASN B 95 -15.73 7.95 -8.92
CA ASN B 95 -14.30 8.17 -9.02
C ASN B 95 -13.44 7.54 -7.94
N LEU B 96 -14.00 6.64 -7.14
CA LEU B 96 -13.24 5.97 -6.09
C LEU B 96 -12.83 6.93 -4.99
N ASP B 97 -13.54 8.04 -4.87
CA ASP B 97 -13.33 8.92 -3.73
C ASP B 97 -13.44 8.15 -2.42
N ARG B 98 -12.55 8.43 -1.48
N ARG B 98 -12.55 8.43 -1.48
CA ARG B 98 -12.51 7.77 -0.18
CA ARG B 98 -12.49 7.79 -0.18
C ARG B 98 -12.32 6.26 -0.33
C ARG B 98 -12.32 6.27 -0.33
N ASP B 99 -11.34 5.87 -1.14
CA ASP B 99 -11.07 4.45 -1.42
C ASP B 99 -10.23 3.86 -0.29
N ILE B 100 -10.86 3.49 0.80
CA ILE B 100 -10.16 3.04 2.00
C ILE B 100 -11.04 2.09 2.79
N ALA B 101 -10.44 1.07 3.38
CA ALA B 101 -11.13 0.11 4.23
C ALA B 101 -10.15 -0.37 5.30
N LEU B 102 -10.70 -0.74 6.45
CA LEU B 102 -9.93 -1.35 7.52
C LEU B 102 -10.34 -2.81 7.68
N MET B 103 -9.39 -3.64 8.06
CA MET B 103 -9.65 -5.04 8.39
C MET B 103 -9.11 -5.32 9.79
N LYS B 104 -9.93 -5.97 10.60
CA LYS B 104 -9.53 -6.39 11.95
C LYS B 104 -9.21 -7.88 11.93
N LEU B 105 -8.07 -8.26 12.51
CA LEU B 105 -7.64 -9.65 12.54
C LEU B 105 -8.26 -10.38 13.72
N LYS B 106 -8.51 -11.67 13.53
CA LYS B 106 -9.05 -12.52 14.59
C LYS B 106 -8.11 -12.55 15.78
N LYS B 107 -6.81 -12.50 15.54
CA LYS B 107 -5.84 -12.54 16.62
C LYS B 107 -4.66 -11.62 16.33
N PRO B 108 -3.99 -11.13 17.35
CA PRO B 108 -2.84 -10.25 17.10
C PRO B 108 -1.75 -11.02 16.37
N VAL B 109 -1.03 -10.34 15.50
CA VAL B 109 0.09 -10.97 14.80
C VAL B 109 1.36 -10.68 15.59
N ALA B 110 2.28 -11.64 15.64
CA ALA B 110 3.57 -11.43 16.30
C ALA B 110 4.53 -10.67 15.39
N PHE B 111 5.08 -9.58 15.91
CA PHE B 111 6.07 -8.81 15.17
C PHE B 111 7.35 -9.65 15.12
N SER B 112 8.14 -9.38 14.10
CA SER B 112 9.38 -10.07 13.87
C SER B 112 10.30 -9.21 13.02
N ASP B 113 11.40 -9.77 12.55
CA ASP B 113 12.26 -9.02 11.66
C ASP B 113 11.53 -8.68 10.36
N TYR B 114 10.51 -9.46 10.05
CA TYR B 114 9.87 -9.33 8.74
C TYR B 114 8.48 -8.73 8.85
N ILE B 115 7.98 -8.58 10.08
CA ILE B 115 6.62 -8.15 10.37
C ILE B 115 6.60 -7.01 11.37
N HIS B 116 6.22 -5.81 10.87
CA HIS B 116 6.28 -4.62 11.71
C HIS B 116 5.36 -3.51 11.18
N PRO B 117 4.63 -2.83 12.03
CA PRO B 117 3.66 -1.83 11.56
C PRO B 117 4.31 -0.53 11.07
N VAL B 118 3.64 0.11 10.12
CA VAL B 118 3.98 1.42 9.59
C VAL B 118 3.24 2.48 10.40
N CYS B 119 3.76 3.70 10.43
CA CYS B 119 3.06 4.78 11.11
C CYS B 119 2.03 5.46 10.20
N LEU B 120 1.01 6.01 10.83
CA LEU B 120 0.05 6.86 10.11
C LEU B 120 0.37 8.31 10.44
N PRO B 121 0.26 9.18 9.45
CA PRO B 121 0.69 10.55 9.62
C PRO B 121 -0.25 11.35 10.52
N ASP B 122 0.35 12.26 11.25
CA ASP B 122 -0.23 13.36 12.00
C ASP B 122 -0.36 14.56 11.07
N ARG B 123 -1.11 15.58 11.43
CA ARG B 123 -1.24 16.74 10.57
C ARG B 123 0.08 17.40 10.17
N GLU B 124 1.04 17.50 11.08
CA GLU B 124 2.31 18.21 10.77
C GLU B 124 3.19 17.42 9.84
N THR B 125 3.32 16.11 10.08
CA THR B 125 4.07 15.28 9.12
C THR B 125 3.48 15.36 7.71
N ALA B 126 2.17 15.24 7.60
CA ALA B 126 1.50 15.36 6.31
C ALA B 126 1.76 16.70 5.64
N ALA B 127 1.66 17.77 6.43
CA ALA B 127 1.90 19.08 5.83
C ALA B 127 3.32 19.17 5.29
N SER B 128 4.30 18.63 6.04
N SER B 128 4.23 18.59 6.07
CA SER B 128 5.68 18.81 5.57
CA SER B 128 5.65 18.64 5.79
C SER B 128 6.05 17.84 4.46
C SER B 128 6.05 17.82 4.56
N LEU B 129 5.43 16.66 4.43
CA LEU B 129 5.91 15.71 3.42
C LEU B 129 5.07 15.66 2.16
N LEU B 130 3.80 15.99 2.19
CA LEU B 130 3.01 15.89 0.96
C LEU B 130 3.13 17.18 0.13
N GLN B 131 4.27 17.33 -0.51
CA GLN B 131 4.64 18.42 -1.37
C GLN B 131 5.07 17.90 -2.74
N ALA B 132 4.65 18.61 -3.78
CA ALA B 132 5.06 18.27 -5.14
C ALA B 132 6.57 18.09 -5.19
N GLY B 133 7.04 17.03 -5.83
CA GLY B 133 8.46 16.77 -5.99
C GLY B 133 9.03 15.86 -4.92
N TYR B 134 8.42 15.84 -3.74
CA TYR B 134 8.91 14.93 -2.71
C TYR B 134 8.55 13.50 -3.12
N LYS B 135 9.48 12.57 -2.93
CA LYS B 135 9.28 11.18 -3.32
C LYS B 135 8.81 10.32 -2.16
N GLY B 136 7.90 9.41 -2.50
CA GLY B 136 7.44 8.33 -1.67
C GLY B 136 7.81 7.01 -2.34
N ARG B 137 7.43 5.92 -1.69
CA ARG B 137 7.77 4.58 -2.11
C ARG B 137 6.53 3.70 -2.18
N VAL B 138 6.36 2.97 -3.28
CA VAL B 138 5.21 2.10 -3.42
C VAL B 138 5.71 0.67 -3.60
N THR B 139 5.02 -0.28 -3.02
CA THR B 139 5.47 -1.67 -3.01
C THR B 139 4.34 -2.59 -3.36
N GLY B 140 4.65 -3.72 -4.01
CA GLY B 140 3.53 -4.63 -4.25
C GLY B 140 3.90 -5.82 -5.14
N TRP B 141 2.97 -6.77 -5.21
CA TRP B 141 3.15 -7.98 -6.04
C TRP B 141 2.35 -7.92 -7.33
N GLY B 142 1.92 -6.74 -7.76
CA GLY B 142 1.09 -6.69 -8.95
C GLY B 142 1.85 -6.80 -10.24
N ASN B 143 1.14 -6.62 -11.37
CA ASN B 143 1.77 -6.76 -12.67
C ASN B 143 2.99 -5.89 -12.90
N LEU B 144 3.95 -6.43 -13.64
CA LEU B 144 5.16 -5.71 -14.05
C LEU B 144 4.98 -4.86 -15.30
N LYS B 145 3.85 -5.06 -15.96
CA LYS B 145 3.54 -4.41 -17.22
C LYS B 145 2.02 -4.31 -17.34
N GLU B 146 1.56 -3.27 -18.02
CA GLU B 146 0.15 -3.00 -18.20
C GLU B 146 -0.51 -4.09 -19.05
N THR B 147 0.12 -4.28 -20.20
CA THR B 147 -0.21 -5.29 -21.19
C THR B 147 0.90 -6.33 -21.24
N GLY B 155 5.54 -10.63 -16.58
CA GLY B 155 4.12 -10.54 -16.22
C GLY B 155 3.94 -10.28 -14.72
N GLN B 156 4.16 -11.28 -13.89
CA GLN B 156 4.00 -11.17 -12.43
C GLN B 156 5.31 -11.53 -11.78
N PRO B 157 5.70 -10.83 -10.72
CA PRO B 157 7.06 -10.97 -10.21
C PRO B 157 7.21 -12.17 -9.29
N SER B 158 8.48 -12.58 -9.14
N SER B 158 8.47 -12.58 -9.14
CA SER B 158 8.78 -13.64 -8.19
CA SER B 158 8.79 -13.65 -8.20
C SER B 158 8.75 -13.12 -6.76
C SER B 158 8.78 -13.12 -6.78
N VAL B 159 9.24 -11.89 -6.60
CA VAL B 159 9.23 -11.28 -5.26
C VAL B 159 8.68 -9.86 -5.25
N LEU B 160 8.38 -9.36 -4.06
CA LEU B 160 7.93 -8.00 -3.82
C LEU B 160 8.78 -6.96 -4.54
N GLN B 161 8.09 -6.04 -5.20
CA GLN B 161 8.68 -4.99 -6.00
C GLN B 161 8.51 -3.63 -5.27
N VAL B 162 9.41 -2.74 -5.60
CA VAL B 162 9.51 -1.42 -5.01
C VAL B 162 9.88 -0.40 -6.07
N VAL B 163 9.27 0.77 -5.96
CA VAL B 163 9.59 1.88 -6.84
C VAL B 163 9.38 3.18 -6.07
N ASN B 164 10.31 4.11 -6.23
CA ASN B 164 10.17 5.45 -5.65
C ASN B 164 9.65 6.45 -6.69
N LEU B 165 8.66 7.25 -6.30
CA LEU B 165 7.95 8.17 -7.18
C LEU B 165 7.64 9.53 -6.54
N PRO B 166 7.82 10.57 -7.32
CA PRO B 166 7.54 11.93 -6.86
C PRO B 166 6.07 12.29 -6.88
N ILE B 167 5.62 12.94 -5.81
CA ILE B 167 4.29 13.51 -5.73
C ILE B 167 4.18 14.59 -6.82
N VAL B 168 3.01 14.64 -7.41
CA VAL B 168 2.83 15.57 -8.54
C VAL B 168 1.85 16.67 -8.18
N GLU B 169 2.10 17.85 -8.74
CA GLU B 169 1.25 19.02 -8.46
C GLU B 169 -0.20 18.75 -8.85
N ARG B 170 -1.13 19.14 -7.99
CA ARG B 170 -2.55 18.90 -8.21
C ARG B 170 -3.04 19.39 -9.57
N PRO B 171 -2.66 20.54 -10.10
CA PRO B 171 -3.08 20.92 -11.47
C PRO B 171 -2.63 19.95 -12.55
N VAL B 172 -1.41 19.42 -12.43
CA VAL B 172 -0.93 18.42 -13.38
C VAL B 172 -1.73 17.14 -13.22
N CYS B 173 -2.03 16.75 -11.98
CA CYS B 173 -2.86 15.57 -11.74
C CYS B 173 -4.22 15.71 -12.43
N LYS B 174 -4.85 16.85 -12.21
CA LYS B 174 -6.16 17.10 -12.77
C LYS B 174 -6.12 17.13 -14.29
N ASP B 175 -5.09 17.75 -14.87
CA ASP B 175 -5.06 17.89 -16.33
C ASP B 175 -4.65 16.63 -17.06
N SER B 176 -4.32 15.58 -16.31
CA SER B 176 -3.87 14.34 -16.90
C SER B 176 -5.02 13.40 -17.15
N THR B 177 -6.22 13.74 -16.68
CA THR B 177 -7.34 12.82 -16.72
C THR B 177 -8.66 13.55 -16.93
N ARG B 178 -9.67 12.85 -17.38
CA ARG B 178 -11.05 13.30 -17.47
C ARG B 178 -11.80 13.01 -16.18
N ILE B 179 -11.23 12.16 -15.32
CA ILE B 179 -11.92 11.84 -14.07
C ILE B 179 -11.91 13.01 -13.10
N ARG B 180 -12.97 13.12 -12.29
CA ARG B 180 -12.99 14.18 -11.28
C ARG B 180 -12.13 13.80 -10.06
N ILE B 181 -11.03 14.52 -9.88
CA ILE B 181 -10.11 14.31 -8.76
C ILE B 181 -10.59 15.01 -7.50
N THR B 182 -10.43 14.45 -6.32
CA THR B 182 -10.90 15.06 -5.08
C THR B 182 -9.72 15.34 -4.14
N ASP B 183 -9.97 16.03 -3.03
CA ASP B 183 -9.00 16.39 -2.00
C ASP B 183 -8.53 15.17 -1.22
N ASN B 184 -9.24 14.08 -1.36
CA ASN B 184 -8.97 12.77 -0.74
C ASN B 184 -8.08 11.89 -1.61
N MET B 185 -7.56 12.43 -2.69
CA MET B 185 -6.60 11.76 -3.55
C MET B 185 -5.38 12.64 -3.77
N PHE B 186 -4.27 11.99 -4.11
CA PHE B 186 -3.11 12.66 -4.66
C PHE B 186 -2.54 11.78 -5.78
N CYS B 187 -1.71 12.38 -6.65
CA CYS B 187 -1.12 11.55 -7.71
C CYS B 187 0.40 11.63 -7.60
N ALA B 188 1.03 10.59 -8.13
CA ALA B 188 2.47 10.50 -8.09
C ALA B 188 3.00 9.84 -9.36
N GLY B 189 4.22 10.18 -9.73
CA GLY B 189 4.87 9.64 -10.93
C GLY B 189 5.73 10.66 -11.63
N TYR B 190 6.57 10.19 -12.54
CA TYR B 190 7.43 11.07 -13.30
C TYR B 190 6.67 11.63 -14.51
N LYS B 191 7.11 12.80 -14.91
CA LYS B 191 6.63 13.43 -16.15
C LYS B 191 7.38 12.84 -17.33
N PRO B 192 6.84 12.97 -18.53
CA PRO B 192 7.58 12.51 -19.72
C PRO B 192 8.96 13.14 -19.77
N ASP B 193 9.00 14.43 -19.43
CA ASP B 193 10.23 15.20 -19.56
C ASP B 193 11.30 14.78 -18.55
N GLU B 194 10.87 14.22 -17.42
CA GLU B 194 11.79 13.90 -16.33
C GLU B 194 12.64 12.69 -16.67
N GLY B 195 12.28 11.95 -17.72
CA GLY B 195 13.09 10.79 -18.06
C GLY B 195 12.59 9.52 -17.38
N LYS B 196 13.14 9.20 -16.23
CA LYS B 196 12.78 8.07 -15.38
C LYS B 196 11.28 7.78 -15.39
N ARG B 197 10.92 6.56 -15.01
CA ARG B 197 9.49 6.20 -15.01
C ARG B 197 9.19 5.22 -13.89
N GLY B 198 8.04 4.60 -13.91
CA GLY B 198 7.61 3.65 -12.89
C GLY B 198 6.18 3.97 -12.48
N ASP B 199 5.48 2.96 -12.01
CA ASP B 199 4.09 3.10 -11.59
C ASP B 199 3.67 1.84 -10.83
N ALA B 200 2.54 1.98 -10.16
CA ALA B 200 1.79 0.90 -9.57
C ALA B 200 0.95 0.31 -10.71
N CYS B 201 0.38 -0.86 -10.53
CA CYS B 201 -0.44 -1.50 -11.57
C CYS B 201 -1.43 -2.43 -10.91
N GLU B 202 -2.25 -3.10 -11.72
CA GLU B 202 -3.17 -4.09 -11.24
C GLU B 202 -2.49 -5.09 -10.30
N GLY B 203 -3.11 -5.35 -9.18
CA GLY B 203 -2.56 -6.24 -8.17
C GLY B 203 -1.83 -5.49 -7.06
N ASP B 204 -1.37 -4.28 -7.33
CA ASP B 204 -0.74 -3.38 -6.36
C ASP B 204 -1.76 -2.64 -5.51
N SER B 205 -2.99 -2.55 -5.98
CA SER B 205 -4.16 -2.06 -5.29
C SER B 205 -4.11 -2.35 -3.79
N GLY B 206 -4.37 -1.34 -3.00
CA GLY B 206 -4.48 -1.34 -1.57
C GLY B 206 -3.16 -1.32 -0.83
N GLY B 207 -2.05 -1.38 -1.55
CA GLY B 207 -0.72 -1.31 -0.95
C GLY B 207 -0.36 0.12 -0.58
N PRO B 208 0.69 0.26 0.22
CA PRO B 208 1.05 1.59 0.73
C PRO B 208 2.01 2.39 -0.12
N PHE B 209 1.77 3.70 -0.07
CA PHE B 209 2.67 4.73 -0.53
C PHE B 209 3.30 5.29 0.74
N VAL B 210 4.61 5.07 0.92
CA VAL B 210 5.24 5.50 2.17
C VAL B 210 6.34 6.51 1.93
N MET B 211 6.58 7.28 3.01
CA MET B 211 7.65 8.25 3.00
C MET B 211 8.42 8.19 4.32
N LYS B 212 9.73 8.41 4.25
CA LYS B 212 10.53 8.38 5.48
C LYS B 212 10.73 9.79 6.05
N SER B 213 10.14 10.02 7.21
CA SER B 213 10.25 11.38 7.76
C SER B 213 11.70 11.70 8.10
N PRO B 214 12.16 12.85 7.64
CA PRO B 214 13.51 13.32 7.97
C PRO B 214 13.59 13.92 9.38
N PHE B 215 12.45 14.04 10.05
CA PHE B 215 12.41 14.61 11.40
C PHE B 215 12.68 13.57 12.47
N ASN B 216 12.06 12.39 12.30
CA ASN B 216 12.22 11.35 13.33
C ASN B 216 12.65 10.00 12.75
N ASN B 217 12.96 9.95 11.49
CA ASN B 217 13.46 8.82 10.73
C ASN B 217 12.52 7.64 10.75
N ARG B 218 11.21 7.92 10.86
CA ARG B 218 10.23 6.86 10.81
C ARG B 218 9.45 6.84 9.48
N TRP B 219 9.03 5.66 9.08
CA TRP B 219 8.25 5.50 7.85
C TRP B 219 6.76 5.71 8.13
N TYR B 220 6.15 6.54 7.28
CA TYR B 220 4.76 6.87 7.40
C TYR B 220 3.99 6.51 6.10
N GLN B 221 2.82 5.94 6.29
CA GLN B 221 1.96 5.70 5.12
C GLN B 221 1.10 6.91 4.78
N MET B 222 1.49 7.61 3.71
CA MET B 222 0.72 8.76 3.25
C MET B 222 -0.35 8.37 2.24
N GLY B 223 -0.16 7.29 1.49
CA GLY B 223 -1.16 6.94 0.48
C GLY B 223 -1.49 5.47 0.43
N ILE B 224 -2.55 5.17 -0.30
CA ILE B 224 -2.96 3.81 -0.63
C ILE B 224 -3.11 3.69 -2.15
N VAL B 225 -2.50 2.67 -2.75
CA VAL B 225 -2.65 2.48 -4.20
C VAL B 225 -4.12 2.40 -4.56
N SER B 226 -4.63 3.28 -5.43
CA SER B 226 -6.08 3.27 -5.68
C SER B 226 -6.46 3.05 -7.13
N TRP B 227 -6.01 3.90 -8.04
CA TRP B 227 -6.41 3.78 -9.44
C TRP B 227 -5.46 4.51 -10.37
N GLY B 228 -5.63 4.23 -11.66
CA GLY B 228 -4.84 4.84 -12.71
C GLY B 228 -5.48 4.36 -14.03
N GLU B 229 -4.99 4.96 -15.07
CA GLU B 229 -5.47 4.65 -16.43
C GLU B 229 -4.30 4.04 -17.16
N GLY B 230 -4.38 2.72 -17.33
CA GLY B 230 -3.18 2.02 -17.79
C GLY B 230 -2.20 1.96 -16.62
N CYS B 231 -0.96 1.63 -16.89
CA CYS B 231 0.15 1.56 -15.99
C CYS B 231 1.39 2.10 -16.68
N ASP B 232 2.04 3.07 -16.05
CA ASP B 232 3.27 3.71 -16.48
C ASP B 232 3.11 4.33 -17.87
N ARG B 233 1.96 4.92 -18.16
CA ARG B 233 1.81 5.60 -19.44
C ARG B 233 2.38 7.01 -19.38
N ASP B 234 3.09 7.45 -20.41
CA ASP B 234 3.53 8.83 -20.46
C ASP B 234 2.32 9.74 -20.31
N GLY B 235 2.51 10.82 -19.56
CA GLY B 235 1.49 11.79 -19.25
C GLY B 235 0.38 11.36 -18.33
N LYS B 236 0.41 10.15 -17.77
CA LYS B 236 -0.57 9.68 -16.82
C LYS B 236 0.16 9.42 -15.49
N TYR B 237 -0.62 9.41 -14.43
CA TYR B 237 -0.07 9.36 -13.07
C TYR B 237 -0.90 8.39 -12.26
N GLY B 238 -0.28 7.78 -11.24
CA GLY B 238 -1.05 6.88 -10.39
C GLY B 238 -1.75 7.73 -9.33
N PHE B 239 -2.94 7.29 -8.95
CA PHE B 239 -3.71 7.96 -7.90
C PHE B 239 -3.76 7.11 -6.64
N TYR B 240 -3.60 7.77 -5.53
CA TYR B 240 -3.49 7.33 -4.15
C TYR B 240 -4.52 7.99 -3.26
N THR B 241 -5.18 7.17 -2.47
CA THR B 241 -5.99 7.66 -1.38
C THR B 241 -5.17 8.42 -0.35
N HIS B 242 -5.61 9.61 0.01
CA HIS B 242 -4.89 10.52 0.90
C HIS B 242 -5.17 10.11 2.33
N VAL B 243 -4.20 9.39 2.94
CA VAL B 243 -4.52 8.72 4.20
C VAL B 243 -4.84 9.73 5.30
N PHE B 244 -4.06 10.79 5.39
CA PHE B 244 -4.26 11.75 6.46
C PHE B 244 -5.63 12.40 6.37
N ARG B 245 -6.16 12.57 5.17
CA ARG B 245 -7.45 13.22 5.00
C ARG B 245 -8.56 12.35 5.55
N LEU B 246 -8.31 11.05 5.67
CA LEU B 246 -9.36 10.16 6.13
C LEU B 246 -9.05 9.60 7.52
N LYS B 247 -8.07 10.21 8.17
CA LYS B 247 -7.56 9.71 9.44
C LYS B 247 -8.60 9.73 10.54
N LYS B 248 -9.52 10.69 10.45
CA LYS B 248 -10.55 10.76 11.48
C LYS B 248 -11.45 9.55 11.40
N TRP B 249 -11.73 9.07 10.17
CA TRP B 249 -12.59 7.89 10.10
C TRP B 249 -11.80 6.69 10.60
N ILE B 250 -10.50 6.70 10.31
CA ILE B 250 -9.66 5.59 10.77
C ILE B 250 -9.66 5.46 12.29
N GLN B 251 -9.48 6.60 12.95
CA GLN B 251 -9.36 6.59 14.41
C GLN B 251 -10.68 6.23 15.07
N LYS B 252 -11.76 6.74 14.49
CA LYS B 252 -13.10 6.42 14.97
C LYS B 252 -13.34 4.93 14.92
N VAL B 253 -12.99 4.29 13.81
CA VAL B 253 -13.21 2.86 13.69
C VAL B 253 -12.42 2.10 14.75
N ILE B 254 -11.13 2.39 14.81
CA ILE B 254 -10.28 1.67 15.75
C ILE B 254 -10.68 2.00 17.18
N ASP B 255 -11.03 3.25 17.48
CA ASP B 255 -11.48 3.56 18.83
C ASP B 255 -12.78 2.84 19.21
N GLN B 256 -13.77 2.92 18.33
CA GLN B 256 -15.07 2.30 18.50
C GLN B 256 -14.98 0.78 18.48
N PHE B 257 -14.03 0.22 17.71
CA PHE B 257 -13.98 -1.24 17.58
C PHE B 257 -12.67 -1.82 18.12
N GLY B 258 -11.90 -0.97 18.76
CA GLY B 258 -10.70 -1.25 19.53
C GLY B 258 -9.70 -2.15 18.81
N GLY C 2 -3.47 -23.00 -9.23
CA GLY C 2 -2.85 -21.67 -9.16
C GLY C 2 -1.35 -21.77 -9.40
N ASP C 3 -0.73 -20.60 -9.52
CA ASP C 3 0.72 -20.49 -9.62
C ASP C 3 1.30 -20.43 -8.21
N PHE C 4 0.38 -20.48 -7.26
CA PHE C 4 0.62 -20.30 -5.85
C PHE C 4 0.82 -21.62 -5.11
N GLU C 5 1.86 -21.62 -4.28
CA GLU C 5 2.08 -22.79 -3.43
C GLU C 5 0.91 -22.91 -2.46
N GLU C 6 0.55 -24.15 -2.15
CA GLU C 6 -0.58 -24.43 -1.26
C GLU C 6 -0.25 -23.98 0.16
N ILE C 7 -1.21 -23.40 0.86
CA ILE C 7 -0.89 -23.01 2.24
C ILE C 7 -1.33 -24.11 3.18
N PRO C 8 -0.76 -24.15 4.38
CA PRO C 8 -1.15 -25.17 5.36
C PRO C 8 -2.66 -25.21 5.51
N GLU C 9 -3.22 -26.42 5.45
CA GLU C 9 -4.66 -26.61 5.56
C GLU C 9 -5.22 -25.88 6.78
N GLU C 10 -4.44 -25.75 7.84
CA GLU C 10 -4.96 -25.11 9.04
C GLU C 10 -5.50 -23.71 8.74
N TYS C 11 -4.97 -23.03 7.72
CA TYS C 11 -5.47 -21.64 7.50
CB TYS C 11 -4.39 -20.73 6.91
CG TYS C 11 -3.12 -20.75 7.72
CD1 TYS C 11 -3.08 -20.20 9.03
CD2 TYS C 11 -1.94 -21.26 7.15
CE1 TYS C 11 -1.88 -20.16 9.75
CE2 TYS C 11 -0.76 -21.28 7.90
CZ TYS C 11 -0.71 -20.74 9.21
OH TYS C 11 0.44 -20.74 9.93
S TYS C 11 1.39 -19.53 9.77
O1 TYS C 11 0.69 -18.30 10.31
O2 TYS C 11 2.46 -19.79 10.68
O3 TYS C 11 1.72 -19.44 8.39
C TYS C 11 -6.72 -21.52 6.66
O TYS C 11 -7.45 -20.52 6.84
NA NA D . -8.91 16.97 -16.33
NA NA E . 3.21 8.07 -16.26
O32 45U F . -8.20 2.05 -12.03
C14 45U F . -9.40 1.84 -12.17
C5 45U F . -9.95 2.48 -13.44
O21 45U F . -11.23 2.98 -13.20
C44 45U F . -11.71 4.26 -12.87
C49 45U F . -12.78 4.03 -11.76
C48 45U F . -12.88 5.29 -10.92
C47 45U F . -11.60 6.05 -11.10
C45 45U F . -10.71 5.11 -11.96
N1 45U F . -10.07 1.11 -11.25
C1 45U F . -9.49 0.68 -10.00
C7 45U F . -8.32 -0.18 -10.37
O22 45U F . -8.26 -0.79 -11.43
C2 45U F . -10.61 -0.13 -9.36
C3 45U F . -11.74 -0.32 -10.35
C4 45U F . -11.50 0.61 -11.52
N23 45U F . -7.32 -0.25 -9.52
C24 45U F . -6.08 -1.02 -9.70
C25 45U F . -5.00 -0.05 -10.17
C30 45U F . -4.03 0.58 -9.39
C29 45U F . -3.03 1.47 -9.88
C28 45U F . -2.83 1.89 -11.17
C21 45U F . -1.74 2.85 -11.61
N47 45U F . -1.13 3.63 -10.72
N46 45U F . -1.40 2.90 -12.89
C27 45U F . -3.80 1.26 -11.94
C26 45U F . -4.80 0.37 -11.48
C1 BEN G . -3.99 12.12 -21.53
C2 BEN G . -3.28 12.79 -20.55
C3 BEN G . -2.73 14.03 -20.85
C4 BEN G . -2.87 14.61 -22.10
C5 BEN G . -3.58 13.94 -23.07
C6 BEN G . -4.14 12.70 -22.79
C BEN G . -4.60 10.80 -21.26
N1 BEN G . -5.12 10.50 -20.06
N2 BEN G . -4.66 9.84 -22.18
C1 GOL H . -23.25 -5.13 -1.01
O1 GOL H . -23.32 -5.58 -2.38
C2 GOL H . -22.58 -3.74 -0.99
O2 GOL H . -23.11 -2.92 -2.05
C3 GOL H . -22.80 -2.99 0.34
O3 GOL H . -22.36 -1.62 0.17
#